data_5ZUL
#
_entry.id   5ZUL
#
_cell.length_a   92.209
_cell.length_b   128.420
_cell.length_c   135.379
_cell.angle_alpha   90.00
_cell.angle_beta   90.00
_cell.angle_gamma   90.00
#
_symmetry.space_group_name_H-M   'C 2 2 21'
#
_entity_poly.entity_id   1
_entity_poly.type   'polypeptide(L)'
_entity_poly.pdbx_seq_one_letter_code
;MLMRTDPFRDLDRFAQQVLGTSARPAVMPMDAWREGDKFVVEFDLPGIDADSLDIDIERNVVTVRAERPAVDPNREMLAS
ERPRGVFSRQLVLGENLDTARIAASYTEGVLKLQIPVAEKAKPRKISITRGAGDKTISENGAHPEVIEA
;
_entity_poly.pdbx_strand_id   A,B,C,D,E,F
#
# COMPACT_ATOMS: atom_id res chain seq x y z
N SER A 22 0.52 29.92 -26.28
CA SER A 22 -0.89 30.23 -26.46
C SER A 22 -1.66 29.02 -26.95
N ALA A 23 -1.01 28.20 -27.79
CA ALA A 23 -1.66 27.00 -28.30
C ALA A 23 -1.84 25.96 -27.20
N ARG A 24 -0.77 25.63 -26.50
CA ARG A 24 -0.81 24.69 -25.37
C ARG A 24 -0.57 25.46 -24.08
N PRO A 25 -1.60 25.88 -23.38
CA PRO A 25 -1.42 26.68 -22.16
C PRO A 25 -1.24 25.83 -20.91
N ALA A 26 -0.64 26.45 -19.90
CA ALA A 26 -0.50 25.83 -18.59
C ALA A 26 -1.72 26.17 -17.73
N VAL A 27 -2.02 25.29 -16.78
CA VAL A 27 -3.17 25.46 -15.92
C VAL A 27 -2.80 26.33 -14.73
N MET A 28 -3.82 26.95 -14.12
CA MET A 28 -3.65 27.85 -13.00
C MET A 28 -4.24 27.26 -11.73
N PRO A 29 -3.66 27.59 -10.57
CA PRO A 29 -4.29 27.18 -9.30
C PRO A 29 -5.45 28.11 -8.94
N MET A 30 -6.61 27.52 -8.68
CA MET A 30 -7.79 28.26 -8.29
C MET A 30 -8.50 27.52 -7.17
N ASP A 31 -9.27 28.26 -6.37
CA ASP A 31 -10.15 27.62 -5.40
C ASP A 31 -11.48 28.36 -5.34
N ALA A 32 -12.57 27.61 -5.35
CA ALA A 32 -13.91 28.18 -5.41
C ALA A 32 -14.72 27.71 -4.22
N TRP A 33 -15.34 28.65 -3.52
CA TRP A 33 -16.27 28.34 -2.44
C TRP A 33 -17.49 29.23 -2.58
N ARG A 34 -18.62 28.73 -2.10
CA ARG A 34 -19.91 29.39 -2.26
C ARG A 34 -20.21 30.20 -1.00
N GLU A 35 -20.10 31.53 -1.11
CA GLU A 35 -20.51 32.40 -0.03
C GLU A 35 -22.03 32.37 0.11
N GLY A 36 -22.52 33.02 1.17
CA GLY A 36 -23.96 33.03 1.42
C GLY A 36 -24.77 33.55 0.26
N ASP A 37 -24.29 34.62 -0.39
CA ASP A 37 -24.98 35.19 -1.53
C ASP A 37 -24.08 35.38 -2.74
N LYS A 38 -22.77 35.13 -2.64
CA LYS A 38 -21.85 35.31 -3.75
C LYS A 38 -20.89 34.13 -3.81
N PHE A 39 -20.89 33.43 -4.94
CA PHE A 39 -19.93 32.35 -5.18
C PHE A 39 -18.61 32.98 -5.62
N VAL A 40 -17.53 32.66 -4.91
CA VAL A 40 -16.23 33.30 -5.11
C VAL A 40 -15.22 32.25 -5.53
N VAL A 41 -14.51 32.52 -6.62
CA VAL A 41 -13.42 31.69 -7.11
C VAL A 41 -12.18 32.57 -7.20
N GLU A 42 -11.08 32.09 -6.64
CA GLU A 42 -9.84 32.85 -6.57
C GLU A 42 -8.78 32.19 -7.44
N PHE A 43 -8.07 33.01 -8.21
CA PHE A 43 -6.94 32.58 -9.03
C PHE A 43 -5.64 33.17 -8.50
N ASP A 44 -4.55 32.43 -8.68
CA ASP A 44 -3.21 32.89 -8.31
C ASP A 44 -2.53 33.43 -9.56
N LEU A 45 -2.41 34.76 -9.63
CA LEU A 45 -1.75 35.45 -10.75
C LEU A 45 -0.66 36.35 -10.18
N PRO A 46 0.50 35.77 -9.83
CA PRO A 46 1.59 36.57 -9.27
C PRO A 46 2.33 37.35 -10.34
N GLY A 47 2.13 38.66 -10.35
CA GLY A 47 2.88 39.56 -11.21
C GLY A 47 2.65 39.40 -12.70
N ILE A 48 1.39 39.44 -13.11
CA ILE A 48 1.01 39.39 -14.53
C ILE A 48 0.58 40.79 -14.93
N ASP A 49 1.25 41.34 -15.94
CA ASP A 49 0.90 42.67 -16.44
C ASP A 49 -0.54 42.68 -16.94
N ALA A 50 -1.31 43.68 -16.49
CA ALA A 50 -2.74 43.72 -16.77
C ALA A 50 -3.04 43.82 -18.26
N ASP A 51 -2.08 44.28 -19.07
CA ASP A 51 -2.30 44.34 -20.51
C ASP A 51 -2.46 42.95 -21.10
N SER A 52 -1.88 41.93 -20.45
CA SER A 52 -2.01 40.56 -20.90
C SER A 52 -3.17 39.82 -20.24
N LEU A 53 -3.67 40.32 -19.10
CA LEU A 53 -4.79 39.69 -18.42
C LEU A 53 -6.08 39.93 -19.20
N ASP A 54 -6.78 38.84 -19.54
CA ASP A 54 -8.02 38.93 -20.30
C ASP A 54 -9.00 37.89 -19.77
N ILE A 55 -10.20 38.34 -19.41
CA ILE A 55 -11.26 37.48 -18.90
C ILE A 55 -12.35 37.44 -19.96
N ASP A 56 -12.40 36.34 -20.71
CA ASP A 56 -13.38 36.16 -21.77
C ASP A 56 -14.38 35.10 -21.32
N ILE A 57 -15.63 35.51 -21.12
CA ILE A 57 -16.69 34.64 -20.61
C ILE A 57 -17.70 34.38 -21.71
N GLU A 58 -18.08 33.11 -21.88
CA GLU A 58 -19.14 32.76 -22.81
C GLU A 58 -20.49 32.84 -22.12
N ARG A 59 -21.46 32.04 -22.58
CA ARG A 59 -22.80 32.06 -22.01
C ARG A 59 -22.79 31.65 -20.55
N ASN A 60 -22.50 30.38 -20.28
CA ASN A 60 -22.46 29.86 -18.92
C ASN A 60 -21.07 29.44 -18.48
N VAL A 61 -20.06 29.55 -19.34
CA VAL A 61 -18.69 29.26 -18.98
C VAL A 61 -17.90 30.56 -18.97
N VAL A 62 -16.84 30.58 -18.15
CA VAL A 62 -15.98 31.76 -18.02
C VAL A 62 -14.53 31.31 -18.16
N THR A 63 -13.83 31.88 -19.14
CA THR A 63 -12.45 31.52 -19.43
C THR A 63 -11.54 32.67 -18.99
N VAL A 64 -10.59 32.36 -18.12
CA VAL A 64 -9.61 33.34 -17.63
C VAL A 64 -8.28 33.05 -18.30
N ARG A 65 -7.77 34.02 -19.04
CA ARG A 65 -6.50 33.90 -19.73
C ARG A 65 -5.56 35.01 -19.29
N ALA A 66 -4.26 34.69 -19.26
CA ALA A 66 -3.23 35.64 -18.87
C ALA A 66 -1.91 35.20 -19.46
N GLU A 67 -1.04 36.17 -19.69
CA GLU A 67 0.29 35.93 -20.24
C GLU A 67 1.33 36.57 -19.33
N ARG A 68 2.39 35.81 -19.03
CA ARG A 68 3.43 36.29 -18.13
C ARG A 68 4.82 35.89 -18.61
N ALA A 70 7.86 35.55 -21.36
CA ALA A 70 9.05 34.72 -21.17
C ALA A 70 10.29 35.58 -20.98
N VAL A 71 11.23 35.08 -20.19
CA VAL A 71 12.47 35.81 -19.94
C VAL A 71 13.29 35.87 -21.22
N ASP A 72 13.90 37.03 -21.47
CA ASP A 72 14.67 37.22 -22.69
C ASP A 72 16.00 36.47 -22.59
N PRO A 73 16.45 35.83 -23.67
CA PRO A 73 17.68 35.02 -23.58
C PRO A 73 18.93 35.86 -23.35
N ASN A 74 18.94 37.12 -23.77
CA ASN A 74 20.13 37.96 -23.57
C ASN A 74 20.35 38.34 -22.12
N ARG A 75 19.37 38.10 -21.24
CA ARG A 75 19.52 38.34 -19.81
C ARG A 75 19.81 37.00 -19.16
N GLU A 76 21.09 36.72 -18.92
CA GLU A 76 21.51 35.44 -18.38
C GLU A 76 21.12 35.34 -16.91
N MET A 77 20.30 34.35 -16.59
CA MET A 77 19.82 34.14 -15.22
C MET A 77 20.59 33.00 -14.57
N LEU A 78 20.87 33.15 -13.27
CA LEU A 78 21.56 32.10 -12.54
C LEU A 78 20.64 30.92 -12.26
N ALA A 79 19.34 31.16 -12.10
CA ALA A 79 18.37 30.10 -11.85
C ALA A 79 16.99 30.58 -12.31
N SER A 80 16.34 29.76 -13.13
CA SER A 80 15.01 30.05 -13.65
C SER A 80 14.06 28.94 -13.23
N GLU A 81 13.21 29.22 -12.25
CA GLU A 81 12.29 28.23 -11.71
C GLU A 81 10.84 28.67 -11.70
N ARG A 82 10.55 29.95 -11.91
CA ARG A 82 9.16 30.42 -11.93
C ARG A 82 8.50 29.99 -13.23
N PRO A 83 7.30 29.41 -13.17
CA PRO A 83 6.59 29.05 -14.41
C PRO A 83 6.13 30.30 -15.14
N ARG A 84 6.50 30.40 -16.41
CA ARG A 84 6.16 31.54 -17.25
C ARG A 84 5.43 31.06 -18.50
N GLY A 85 4.89 32.02 -19.24
CA GLY A 85 4.18 31.71 -20.46
C GLY A 85 2.71 32.04 -20.40
N VAL A 86 1.90 31.26 -21.11
CA VAL A 86 0.46 31.48 -21.16
C VAL A 86 -0.21 30.61 -20.10
N PHE A 87 -1.03 31.23 -19.26
CA PHE A 87 -1.81 30.56 -18.25
C PHE A 87 -3.29 30.76 -18.56
N SER A 88 -4.07 29.68 -18.49
CA SER A 88 -5.48 29.77 -18.85
C SER A 88 -6.28 28.82 -17.98
N ARG A 89 -7.60 29.04 -17.97
CA ARG A 89 -8.52 28.19 -17.22
C ARG A 89 -9.92 28.35 -17.78
N GLN A 90 -10.59 27.24 -18.03
CA GLN A 90 -11.96 27.22 -18.55
C GLN A 90 -12.88 26.72 -17.44
N LEU A 91 -13.72 27.60 -16.92
CA LEU A 91 -14.61 27.28 -15.81
C LEU A 91 -16.02 27.06 -16.33
N VAL A 92 -16.56 25.86 -16.11
CA VAL A 92 -17.93 25.53 -16.48
C VAL A 92 -18.81 25.80 -15.27
N LEU A 93 -19.66 26.81 -15.36
CA LEU A 93 -20.54 27.20 -14.27
C LEU A 93 -21.97 26.79 -14.56
N GLY A 94 -22.75 26.67 -13.50
CA GLY A 94 -24.15 26.31 -13.62
C GLY A 94 -25.00 27.48 -14.07
N GLU A 95 -26.29 27.20 -14.25
CA GLU A 95 -27.24 28.20 -14.69
C GLU A 95 -27.79 29.05 -13.55
N ASN A 96 -27.36 28.81 -12.32
CA ASN A 96 -27.87 29.53 -11.15
C ASN A 96 -27.11 30.82 -10.87
N LEU A 97 -26.11 31.16 -11.68
CA LEU A 97 -25.30 32.35 -11.48
C LEU A 97 -25.61 33.37 -12.57
N ASP A 98 -25.92 34.60 -12.16
CA ASP A 98 -26.15 35.66 -13.13
C ASP A 98 -24.83 36.05 -13.80
N THR A 99 -24.84 36.16 -15.13
CA THR A 99 -23.64 36.34 -15.92
C THR A 99 -23.29 37.80 -16.17
N ALA A 100 -24.06 38.74 -15.63
CA ALA A 100 -23.91 40.15 -15.96
C ALA A 100 -23.13 40.94 -14.91
N ARG A 101 -23.52 40.83 -13.63
CA ARG A 101 -22.93 41.66 -12.59
C ARG A 101 -21.85 40.93 -11.80
N ILE A 102 -20.81 40.47 -12.49
CA ILE A 102 -19.68 39.85 -11.81
C ILE A 102 -18.71 40.93 -11.35
N ALA A 103 -17.98 40.66 -10.26
CA ALA A 103 -17.06 41.63 -9.68
C ALA A 103 -15.70 40.98 -9.49
N ALA A 104 -14.69 41.49 -10.19
CA ALA A 104 -13.34 40.94 -10.13
C ALA A 104 -12.40 41.95 -9.48
N SER A 105 -11.38 41.41 -8.79
CA SER A 105 -10.34 42.23 -8.20
C SER A 105 -9.00 41.55 -8.39
N TYR A 106 -7.93 42.34 -8.41
CA TYR A 106 -6.57 41.84 -8.50
C TYR A 106 -5.79 42.45 -7.35
N THR A 107 -5.75 41.74 -6.22
CA THR A 107 -5.11 42.25 -5.02
C THR A 107 -4.09 41.23 -4.52
N GLU A 108 -2.87 41.69 -4.24
CA GLU A 108 -1.78 40.84 -3.78
C GLU A 108 -1.55 39.68 -4.74
N GLY A 109 -1.63 39.96 -6.04
CA GLY A 109 -1.44 38.95 -7.05
C GLY A 109 -2.49 37.87 -7.07
N VAL A 110 -3.65 38.13 -6.47
CA VAL A 110 -4.77 37.19 -6.47
C VAL A 110 -5.90 37.82 -7.27
N LEU A 111 -6.39 37.07 -8.26
CA LEU A 111 -7.54 37.49 -9.05
C LEU A 111 -8.78 36.88 -8.39
N LYS A 112 -9.45 37.67 -7.56
CA LYS A 112 -10.66 37.24 -6.86
C LYS A 112 -11.86 37.54 -7.75
N LEU A 113 -12.49 36.48 -8.23
CA LEU A 113 -13.75 36.57 -8.97
C LEU A 113 -14.91 36.32 -8.01
N GLN A 114 -15.85 37.27 -7.98
CA GLN A 114 -17.05 37.16 -7.15
C GLN A 114 -18.25 37.23 -8.07
N ILE A 115 -18.96 36.12 -8.20
CA ILE A 115 -20.14 36.01 -9.05
C ILE A 115 -21.36 35.86 -8.15
N PRO A 116 -22.32 36.79 -8.20
CA PRO A 116 -23.53 36.64 -7.37
C PRO A 116 -24.39 35.47 -7.80
N VAL A 117 -25.51 35.27 -7.11
CA VAL A 117 -26.43 34.19 -7.44
C VAL A 117 -27.86 34.73 -7.52
N GLN B 16 15.27 -2.72 0.75
CA GLN B 16 16.18 -3.86 0.88
C GLN B 16 17.14 -3.95 -0.30
N GLN B 17 18.20 -4.74 -0.13
CA GLN B 17 19.27 -4.88 -1.12
C GLN B 17 19.93 -3.55 -1.46
N VAL B 18 19.76 -2.56 -0.59
CA VAL B 18 20.37 -1.24 -0.77
C VAL B 18 21.33 -1.04 0.40
N LEU B 19 22.59 -1.35 0.20
CA LEU B 19 23.63 -1.21 1.21
C LEU B 19 24.61 -0.11 0.81
N GLY B 20 25.61 0.11 1.66
CA GLY B 20 26.58 1.14 1.41
C GLY B 20 28.01 0.63 1.30
N THR B 21 28.62 0.82 0.14
CA THR B 21 30.03 0.52 -0.02
C THR B 21 30.86 1.47 0.86
N SER B 22 32.07 1.01 1.21
CA SER B 22 32.99 1.91 1.91
C SER B 22 33.27 3.15 1.09
N ALA B 23 33.31 3.02 -0.24
CA ALA B 23 33.45 4.18 -1.11
C ALA B 23 32.14 4.95 -1.24
N ARG B 24 31.06 4.25 -1.58
CA ARG B 24 29.74 4.86 -1.72
C ARG B 24 28.88 4.48 -0.52
N PRO B 25 28.77 5.33 0.50
CA PRO B 25 28.01 4.98 1.69
C PRO B 25 26.51 5.23 1.50
N ALA B 26 25.75 4.92 2.54
CA ALA B 26 24.31 5.14 2.57
C ALA B 26 23.97 6.18 3.63
N VAL B 27 23.02 7.06 3.31
CA VAL B 27 22.65 8.14 4.22
C VAL B 27 21.75 7.60 5.32
N MET B 28 21.82 8.24 6.49
CA MET B 28 21.10 7.85 7.69
C MET B 28 19.96 8.81 7.97
N PRO B 29 18.88 8.35 8.60
CA PRO B 29 17.82 9.25 9.03
C PRO B 29 18.19 9.95 10.33
N MET B 30 17.63 11.15 10.51
CA MET B 30 17.90 11.95 11.69
C MET B 30 16.84 13.02 11.84
N ASP B 31 16.52 13.34 13.10
CA ASP B 31 15.61 14.42 13.44
C ASP B 31 16.40 15.47 14.20
N ALA B 32 16.54 16.65 13.62
CA ALA B 32 17.25 17.77 14.22
C ALA B 32 16.25 18.84 14.64
N TRP B 33 16.22 19.17 15.92
CA TRP B 33 15.32 20.20 16.43
C TRP B 33 16.03 20.99 17.52
N ARG B 34 15.52 22.21 17.74
CA ARG B 34 16.03 23.10 18.76
C ARG B 34 14.99 23.21 19.87
N GLU B 35 15.41 22.90 21.10
CA GLU B 35 14.52 22.99 22.25
C GLU B 35 14.45 24.42 22.75
N GLY B 36 14.20 24.59 24.05
CA GLY B 36 14.20 25.93 24.61
C GLY B 36 15.56 26.60 24.57
N ASP B 37 16.63 25.80 24.60
CA ASP B 37 17.98 26.37 24.53
C ASP B 37 19.00 25.39 23.96
N LYS B 38 18.58 24.28 23.35
CA LYS B 38 19.49 23.28 22.84
C LYS B 38 19.28 23.07 21.34
N PHE B 39 20.29 22.50 20.71
CA PHE B 39 20.23 22.13 19.29
C PHE B 39 20.61 20.65 19.21
N VAL B 40 19.61 19.78 19.18
CA VAL B 40 19.81 18.34 19.32
C VAL B 40 19.45 17.65 18.01
N VAL B 41 20.33 16.77 17.55
CA VAL B 41 20.08 15.91 16.39
C VAL B 41 20.04 14.47 16.88
N GLU B 42 19.13 13.69 16.30
CA GLU B 42 18.95 12.29 16.69
C GLU B 42 19.05 11.41 15.45
N PHE B 43 20.09 10.59 15.38
CA PHE B 43 20.32 9.71 14.25
C PHE B 43 19.90 8.29 14.61
N ASP B 44 19.06 7.70 13.77
CA ASP B 44 18.60 6.32 13.98
C ASP B 44 19.74 5.37 13.66
N LEU B 45 20.28 4.71 14.68
CA LEU B 45 21.43 3.82 14.54
C LEU B 45 21.20 2.56 15.37
N PRO B 46 20.46 1.59 14.83
CA PRO B 46 20.22 0.34 15.57
C PRO B 46 21.23 -0.73 15.22
N GLY B 47 21.59 -1.52 16.23
CA GLY B 47 22.49 -2.65 16.03
C GLY B 47 23.87 -2.25 15.56
N ILE B 48 24.39 -1.12 16.02
CA ILE B 48 25.71 -0.63 15.65
C ILE B 48 26.54 -0.57 16.92
N ASP B 49 27.38 -1.59 17.13
CA ASP B 49 28.19 -1.70 18.33
C ASP B 49 29.67 -1.48 18.08
N ALA B 50 30.07 -1.26 16.82
CA ALA B 50 31.47 -1.05 16.50
C ALA B 50 31.89 0.35 16.92
N ASP B 51 32.85 0.44 17.84
CA ASP B 51 33.40 1.73 18.25
C ASP B 51 34.26 2.36 17.16
N SER B 52 34.45 1.68 16.02
CA SER B 52 35.13 2.28 14.88
C SER B 52 34.26 3.31 14.18
N LEU B 53 33.00 3.46 14.59
CA LEU B 53 32.16 4.54 14.06
C LEU B 53 32.75 5.88 14.45
N ASP B 54 32.90 6.76 13.47
CA ASP B 54 33.59 8.03 13.65
C ASP B 54 32.61 9.18 13.41
N ILE B 55 32.27 9.90 14.49
CA ILE B 55 31.47 11.10 14.39
C ILE B 55 32.42 12.30 14.37
N ASP B 56 33.24 12.41 13.33
CA ASP B 56 34.25 13.45 13.24
C ASP B 56 33.65 14.75 12.73
N ASN B 60 33.19 23.49 11.01
CA ASN B 60 32.15 24.02 10.14
C ASN B 60 31.07 22.98 9.87
N VAL B 61 31.49 21.73 9.69
CA VAL B 61 30.58 20.63 9.41
C VAL B 61 30.90 19.47 10.34
N VAL B 62 29.87 18.73 10.72
CA VAL B 62 30.00 17.55 11.57
C VAL B 62 29.57 16.34 10.77
N THR B 63 30.47 15.38 10.62
CA THR B 63 30.23 14.17 9.85
C THR B 63 30.04 12.99 10.79
N VAL B 64 28.97 12.23 10.56
CA VAL B 64 28.64 11.05 11.36
C VAL B 64 28.83 9.83 10.47
N ARG B 65 29.69 8.90 10.91
CA ARG B 65 29.99 7.68 10.18
C ARG B 65 29.88 6.49 11.10
N ALA B 66 29.34 5.39 10.56
CA ALA B 66 29.17 4.15 11.30
C ALA B 66 29.29 2.98 10.33
N GLU B 67 29.67 1.83 10.85
CA GLU B 67 29.93 0.64 10.04
C GLU B 67 29.20 -0.55 10.62
N ARG B 68 28.13 -0.98 9.96
CA ARG B 68 27.38 -2.19 10.29
C ARG B 68 27.82 -3.34 9.40
N PRO B 69 28.03 -4.53 9.98
CA PRO B 69 28.57 -5.64 9.20
C PRO B 69 27.61 -6.11 8.12
N ALA B 70 28.17 -6.82 7.15
CA ALA B 70 27.42 -7.34 6.01
C ALA B 70 27.07 -8.81 6.23
N VAL B 71 25.99 -9.24 5.58
CA VAL B 71 25.54 -10.62 5.70
C VAL B 71 26.39 -11.53 4.82
N ASP B 72 26.58 -12.76 5.28
CA ASP B 72 27.37 -13.72 4.52
C ASP B 72 26.56 -14.26 3.35
N PRO B 73 27.05 -14.15 2.11
CA PRO B 73 26.30 -14.71 0.98
C PRO B 73 26.19 -16.23 1.02
N ASN B 74 27.16 -16.91 1.64
CA ASN B 74 27.11 -18.36 1.71
C ASN B 74 26.09 -18.85 2.72
N ARG B 75 25.91 -18.12 3.83
CA ARG B 75 24.92 -18.51 4.83
C ARG B 75 23.51 -18.29 4.27
N GLU B 76 22.73 -19.37 4.19
CA GLU B 76 21.40 -19.32 3.58
C GLU B 76 20.40 -18.85 4.62
N MET B 77 20.07 -17.56 4.59
CA MET B 77 19.02 -17.00 5.43
C MET B 77 17.76 -16.82 4.59
N LEU B 78 16.62 -17.16 5.17
CA LEU B 78 15.35 -17.04 4.48
C LEU B 78 14.78 -15.63 4.52
N ALA B 79 15.47 -14.69 5.18
CA ALA B 79 15.03 -13.30 5.22
C ALA B 79 16.26 -12.42 5.41
N SER B 80 16.49 -11.51 4.45
CA SER B 80 17.62 -10.61 4.49
C SER B 80 17.17 -9.21 4.07
N GLU B 81 16.29 -8.62 4.88
CA GLU B 81 15.68 -7.32 4.59
C GLU B 81 15.98 -6.35 5.73
N ARG B 82 17.17 -5.74 5.68
CA ARG B 82 17.56 -4.70 6.61
C ARG B 82 18.80 -3.98 6.06
N PRO B 83 18.92 -2.67 6.30
CA PRO B 83 20.10 -1.95 5.77
C PRO B 83 21.34 -2.26 6.57
N ARG B 84 22.44 -2.50 5.86
CA ARG B 84 23.73 -2.81 6.48
C ARG B 84 24.83 -2.13 5.67
N GLY B 85 26.06 -2.25 6.18
CA GLY B 85 27.20 -1.67 5.51
C GLY B 85 27.63 -0.33 6.09
N VAL B 86 28.18 0.53 5.25
CA VAL B 86 28.69 1.83 5.68
C VAL B 86 27.55 2.84 5.66
N PHE B 87 27.42 3.59 6.75
CA PHE B 87 26.40 4.62 6.88
C PHE B 87 27.08 5.94 7.23
N SER B 88 26.76 6.99 6.47
CA SER B 88 27.40 8.29 6.67
C SER B 88 26.39 9.39 6.48
N ARG B 89 26.70 10.56 7.05
CA ARG B 89 25.85 11.74 6.92
C ARG B 89 26.65 12.97 7.30
N GLN B 90 26.74 13.94 6.39
CA GLN B 90 27.41 15.20 6.67
C GLN B 90 26.39 16.24 7.11
N LEU B 91 26.80 17.12 8.02
CA LEU B 91 25.92 18.12 8.61
C LEU B 91 26.59 19.48 8.54
N VAL B 92 26.04 20.37 7.72
CA VAL B 92 26.52 21.75 7.62
C VAL B 92 25.85 22.58 8.69
N LEU B 93 26.64 23.16 9.58
CA LEU B 93 26.10 23.96 10.67
C LEU B 93 26.52 25.42 10.53
N ASP B 98 28.52 26.23 19.28
CA ASP B 98 29.89 25.94 19.72
C ASP B 98 30.20 24.46 19.52
N THR B 99 31.07 24.17 18.55
CA THR B 99 31.43 22.81 18.19
C THR B 99 32.45 22.18 19.12
N ALA B 100 32.77 22.82 20.24
CA ALA B 100 33.76 22.29 21.17
C ALA B 100 33.14 21.38 22.23
N ARG B 101 32.08 21.84 22.87
CA ARG B 101 31.42 21.11 23.96
C ARG B 101 30.12 20.52 23.44
N ILE B 102 30.21 19.32 22.86
CA ILE B 102 29.06 18.59 22.39
C ILE B 102 28.88 17.34 23.24
N ALA B 103 27.63 16.94 23.45
CA ALA B 103 27.30 15.82 24.32
C ALA B 103 26.66 14.72 23.49
N ALA B 104 27.41 13.64 23.25
CA ALA B 104 26.91 12.50 22.49
C ALA B 104 26.49 11.39 23.43
N SER B 105 25.35 10.77 23.12
CA SER B 105 24.80 9.69 23.93
C SER B 105 24.17 8.65 23.02
N TYR B 106 24.50 7.38 23.24
CA TYR B 106 23.93 6.27 22.48
C TYR B 106 23.05 5.44 23.41
N THR B 107 21.74 5.56 23.24
CA THR B 107 20.78 4.84 24.06
C THR B 107 19.63 4.34 23.20
N GLU B 108 19.23 3.10 23.42
CA GLU B 108 18.14 2.46 22.68
C GLU B 108 18.39 2.49 21.17
N GLY B 109 19.65 2.37 20.76
CA GLY B 109 19.97 2.42 19.35
C GLY B 109 19.72 3.77 18.70
N VAL B 110 19.88 4.87 19.45
CA VAL B 110 19.64 6.20 18.93
C VAL B 110 20.84 7.07 19.28
N LEU B 111 21.52 7.59 18.26
CA LEU B 111 22.66 8.48 18.45
C LEU B 111 22.11 9.89 18.67
N LYS B 112 21.99 10.26 19.94
CA LYS B 112 21.51 11.57 20.33
C LYS B 112 22.70 12.49 20.55
N LEU B 113 22.88 13.46 19.66
CA LEU B 113 23.95 14.44 19.73
C LEU B 113 23.36 15.77 20.16
N GLN B 114 23.84 16.32 21.26
CA GLN B 114 23.37 17.58 21.81
C GLN B 114 24.45 18.65 21.60
N ILE B 115 24.10 19.67 20.83
CA ILE B 115 25.00 20.80 20.56
C ILE B 115 24.37 22.05 21.15
N PRO B 116 25.16 23.02 21.64
CA PRO B 116 24.61 24.24 22.23
C PRO B 116 23.85 25.11 21.23
N ILE B 126 11.58 42.15 8.11
CA ILE B 126 12.40 43.34 8.10
C ILE B 126 11.51 44.58 8.03
N SER B 127 10.22 44.34 7.75
CA SER B 127 9.18 45.37 7.76
C SER B 127 9.44 46.47 6.73
N ILE B 128 10.13 46.15 5.64
CA ILE B 128 10.29 47.08 4.53
C ILE B 128 9.51 46.54 3.34
N THR B 129 9.04 47.46 2.51
CA THR B 129 8.21 47.13 1.35
C THR B 129 8.08 48.37 0.48
N ARG B 130 7.32 48.24 -0.59
CA ARG B 130 7.02 49.38 -1.46
C ARG B 130 5.63 49.22 -2.08
N GLY C 20 20.02 -13.69 -7.60
CA GLY C 20 19.71 -13.77 -6.18
C GLY C 20 20.67 -14.66 -5.41
N THR C 21 21.21 -14.12 -4.31
CA THR C 21 22.13 -14.88 -3.47
C THR C 21 21.36 -15.77 -2.51
N SER C 22 22.11 -16.52 -1.69
CA SER C 22 21.47 -17.40 -0.72
C SER C 22 20.79 -16.61 0.39
N ALA C 23 21.30 -15.42 0.72
CA ALA C 23 20.68 -14.59 1.75
C ALA C 23 19.39 -13.97 1.23
N ARG C 24 19.45 -13.33 0.06
CA ARG C 24 18.29 -12.72 -0.57
C ARG C 24 17.96 -13.51 -1.84
N PRO C 25 17.13 -14.53 -1.75
CA PRO C 25 16.84 -15.36 -2.93
C PRO C 25 15.83 -14.72 -3.86
N ALA C 26 15.94 -15.07 -5.13
CA ALA C 26 14.98 -14.63 -6.15
C ALA C 26 13.91 -15.69 -6.33
N VAL C 27 12.64 -15.25 -6.36
CA VAL C 27 11.54 -16.20 -6.42
C VAL C 27 11.51 -16.90 -7.77
N MET C 28 10.81 -18.03 -7.81
CA MET C 28 10.65 -18.85 -9.00
C MET C 28 9.19 -19.02 -9.36
N PRO C 29 8.86 -19.19 -10.64
CA PRO C 29 7.46 -19.36 -11.04
C PRO C 29 6.95 -20.76 -10.71
N MET C 30 5.63 -20.85 -10.58
CA MET C 30 4.98 -22.11 -10.25
C MET C 30 3.52 -22.04 -10.65
N ASP C 31 2.95 -23.21 -10.98
CA ASP C 31 1.53 -23.35 -11.28
C ASP C 31 0.97 -24.47 -10.41
N ALA C 32 -0.03 -24.14 -9.60
CA ALA C 32 -0.64 -25.09 -8.68
C ALA C 32 -2.10 -25.30 -9.07
N TRP C 33 -2.51 -26.57 -9.13
CA TRP C 33 -3.89 -26.91 -9.45
C TRP C 33 -4.24 -28.24 -8.77
N ARG C 34 -5.48 -28.35 -8.32
CA ARG C 34 -5.96 -29.55 -7.65
C ARG C 34 -6.57 -30.48 -8.69
N GLU C 35 -5.94 -31.63 -8.90
CA GLU C 35 -6.39 -32.63 -9.87
C GLU C 35 -6.90 -33.84 -9.09
N GLY C 36 -8.19 -33.81 -8.77
CA GLY C 36 -8.79 -34.92 -8.03
C GLY C 36 -8.17 -35.04 -6.65
N ASP C 37 -7.59 -36.21 -6.38
CA ASP C 37 -6.87 -36.46 -5.14
C ASP C 37 -5.37 -36.23 -5.28
N LYS C 38 -4.96 -35.39 -6.22
CA LYS C 38 -3.55 -35.10 -6.46
C LYS C 38 -3.39 -33.61 -6.67
N PHE C 39 -2.92 -32.91 -5.65
CA PHE C 39 -2.62 -31.49 -5.75
C PHE C 39 -1.25 -31.31 -6.38
N VAL C 40 -1.20 -30.67 -7.54
CA VAL C 40 0.01 -30.59 -8.35
C VAL C 40 0.55 -29.17 -8.30
N VAL C 41 1.85 -29.05 -8.03
CA VAL C 41 2.59 -27.80 -8.12
C VAL C 41 3.67 -27.99 -9.19
N GLU C 42 3.97 -26.92 -9.92
CA GLU C 42 4.92 -27.00 -11.02
C GLU C 42 5.87 -25.81 -10.96
N PHE C 43 7.16 -26.09 -10.73
CA PHE C 43 8.20 -25.09 -10.75
C PHE C 43 9.00 -25.17 -12.05
N ASP C 44 9.49 -24.03 -12.50
CA ASP C 44 10.31 -23.94 -13.71
C ASP C 44 11.77 -23.80 -13.29
N LEU C 45 12.55 -24.85 -13.50
CA LEU C 45 13.99 -24.86 -13.20
C LEU C 45 14.73 -25.40 -14.41
N PRO C 46 14.87 -24.60 -15.47
CA PRO C 46 15.56 -25.07 -16.68
C PRO C 46 17.06 -25.12 -16.46
N GLY C 47 17.65 -26.28 -16.75
CA GLY C 47 19.08 -26.46 -16.61
C GLY C 47 19.57 -26.28 -15.19
N ILE C 48 19.28 -27.26 -14.33
CA ILE C 48 19.66 -27.20 -12.91
C ILE C 48 20.27 -28.55 -12.54
N ASP C 49 21.51 -28.51 -12.03
CA ASP C 49 22.15 -29.73 -11.59
C ASP C 49 21.55 -30.19 -10.27
N ALA C 50 21.35 -31.51 -10.15
CA ALA C 50 20.66 -32.06 -8.99
C ALA C 50 21.43 -31.88 -7.69
N ASP C 51 22.75 -31.69 -7.76
CA ASP C 51 23.52 -31.49 -6.53
C ASP C 51 23.17 -30.18 -5.83
N SER C 52 22.66 -29.20 -6.57
CA SER C 52 22.22 -27.94 -5.98
C SER C 52 20.74 -27.91 -5.65
N LEU C 53 19.95 -28.83 -6.19
CA LEU C 53 18.53 -28.89 -5.89
C LEU C 53 18.32 -29.45 -4.49
N ASP C 54 17.55 -28.73 -3.68
CA ASP C 54 17.28 -29.13 -2.30
C ASP C 54 15.81 -28.86 -1.99
N ILE C 55 15.05 -29.93 -1.77
CA ILE C 55 13.63 -29.83 -1.45
C ILE C 55 13.52 -30.11 0.05
N ASP C 56 13.64 -29.05 0.85
CA ASP C 56 13.55 -29.17 2.30
C ASP C 56 12.09 -29.07 2.73
N ILE C 57 11.62 -30.08 3.47
CA ILE C 57 10.24 -30.10 3.93
C ILE C 57 10.24 -30.12 5.45
N GLU C 58 9.24 -29.46 6.05
CA GLU C 58 9.10 -29.43 7.49
C GLU C 58 7.73 -29.94 7.91
N ARG C 59 7.14 -29.31 8.93
CA ARG C 59 5.86 -29.76 9.48
C ARG C 59 4.76 -29.73 8.43
N ASN C 60 4.41 -28.54 7.97
CA ASN C 60 3.37 -28.38 6.95
C ASN C 60 3.78 -27.40 5.86
N VAL C 61 5.04 -27.00 5.81
CA VAL C 61 5.56 -26.06 4.82
C VAL C 61 6.56 -26.79 3.94
N VAL C 62 6.43 -26.61 2.62
CA VAL C 62 7.33 -27.22 1.65
C VAL C 62 8.22 -26.12 1.08
N THR C 63 9.51 -26.21 1.40
CA THR C 63 10.50 -25.22 0.98
C THR C 63 11.31 -25.78 -0.18
N VAL C 64 11.20 -25.13 -1.34
CA VAL C 64 11.91 -25.54 -2.55
C VAL C 64 13.08 -24.59 -2.77
N ARG C 65 14.29 -25.12 -2.74
CA ARG C 65 15.50 -24.33 -2.96
C ARG C 65 16.30 -24.94 -4.09
N ALA C 66 16.94 -24.08 -4.89
CA ALA C 66 17.77 -24.52 -6.00
C ALA C 66 18.81 -23.45 -6.28
N GLU C 67 19.97 -23.87 -6.77
CA GLU C 67 21.09 -22.98 -7.04
C GLU C 67 21.51 -23.11 -8.49
N ARG C 68 21.48 -21.99 -9.21
CA ARG C 68 21.96 -21.90 -10.58
C ARG C 68 23.26 -21.12 -10.60
N PRO C 69 24.31 -21.65 -11.22
CA PRO C 69 25.62 -20.98 -11.14
C PRO C 69 25.60 -19.61 -11.81
N ALA C 70 26.56 -18.77 -11.40
CA ALA C 70 26.67 -17.41 -11.89
C ALA C 70 27.70 -17.32 -13.01
N VAL C 71 27.58 -16.24 -13.79
CA VAL C 71 28.50 -16.01 -14.91
C VAL C 71 29.78 -15.37 -14.39
N ASP C 72 30.90 -15.73 -14.99
CA ASP C 72 32.17 -15.10 -14.67
C ASP C 72 32.12 -13.64 -15.11
N PRO C 73 32.31 -12.68 -14.20
CA PRO C 73 32.26 -11.27 -14.61
C PRO C 73 33.35 -10.88 -15.59
N ASN C 74 34.49 -11.57 -15.57
CA ASN C 74 35.59 -11.27 -16.48
C ASN C 74 35.45 -11.95 -17.83
N ARG C 75 34.65 -13.02 -17.93
CA ARG C 75 34.41 -13.70 -19.20
C ARG C 75 33.47 -12.85 -20.05
N GLU C 76 33.90 -12.51 -21.26
CA GLU C 76 33.14 -11.62 -22.13
C GLU C 76 32.12 -12.42 -22.92
N MET C 77 30.84 -12.23 -22.57
CA MET C 77 29.73 -12.83 -23.29
C MET C 77 28.94 -11.72 -23.99
N LEU C 78 28.47 -12.00 -25.20
CA LEU C 78 27.77 -10.99 -25.97
C LEU C 78 26.35 -10.74 -25.47
N ALA C 79 25.79 -11.66 -24.70
CA ALA C 79 24.44 -11.51 -24.19
C ALA C 79 24.32 -12.22 -22.85
N SER C 80 23.76 -11.53 -21.86
CA SER C 80 23.53 -12.07 -20.52
C SER C 80 22.09 -11.73 -20.14
N GLU C 81 21.15 -12.63 -20.48
CA GLU C 81 19.73 -12.39 -20.26
C GLU C 81 19.06 -13.41 -19.35
N ARG C 82 19.69 -14.54 -19.10
CA ARG C 82 19.05 -15.59 -18.29
C ARG C 82 19.27 -15.33 -16.81
N PRO C 83 18.23 -15.39 -15.98
CA PRO C 83 18.42 -15.19 -14.54
C PRO C 83 19.13 -16.38 -13.91
N ARG C 84 20.06 -16.08 -13.01
CA ARG C 84 20.85 -17.10 -12.33
C ARG C 84 20.92 -16.78 -10.85
N GLY C 85 21.55 -17.67 -10.10
CA GLY C 85 21.69 -17.51 -8.66
C GLY C 85 20.78 -18.45 -7.89
N VAL C 86 20.53 -18.07 -6.64
CA VAL C 86 19.72 -18.89 -5.74
C VAL C 86 18.25 -18.57 -5.97
N PHE C 87 17.46 -19.60 -6.27
CA PHE C 87 16.01 -19.49 -6.40
C PHE C 87 15.35 -20.30 -5.30
N SER C 88 14.45 -19.67 -4.55
CA SER C 88 13.77 -20.32 -3.44
C SER C 88 12.29 -20.01 -3.48
N ARG C 89 11.51 -20.82 -2.77
CA ARG C 89 10.06 -20.64 -2.71
C ARG C 89 9.51 -21.43 -1.53
N GLN C 90 8.83 -20.74 -0.63
CA GLN C 90 8.17 -21.38 0.51
C GLN C 90 6.70 -21.61 0.19
N LEU C 91 6.20 -22.78 0.56
CA LEU C 91 4.82 -23.17 0.28
C LEU C 91 4.13 -23.52 1.59
N VAL C 92 3.18 -22.70 2.01
CA VAL C 92 2.35 -22.96 3.17
C VAL C 92 1.18 -23.84 2.74
N LEU C 93 1.11 -25.04 3.27
CA LEU C 93 0.07 -25.99 2.93
C LEU C 93 -0.81 -26.26 4.16
N GLY C 94 -2.10 -26.47 3.90
CA GLY C 94 -3.03 -26.78 4.96
C GLY C 94 -2.85 -28.21 5.46
N GLU C 95 -3.70 -28.57 6.43
CA GLU C 95 -3.68 -29.91 7.01
C GLU C 95 -4.48 -30.92 6.20
N ASN C 96 -4.71 -30.66 4.90
CA ASN C 96 -5.46 -31.58 4.06
C ASN C 96 -4.56 -32.53 3.28
N LEU C 97 -3.33 -32.12 2.97
CA LEU C 97 -2.40 -32.94 2.20
C LEU C 97 -1.46 -33.68 3.12
N ASP C 98 -1.23 -34.96 2.81
CA ASP C 98 -0.29 -35.77 3.57
C ASP C 98 1.13 -35.42 3.16
N THR C 99 1.93 -34.95 4.12
CA THR C 99 3.31 -34.56 3.82
C THR C 99 4.23 -35.75 3.62
N ALA C 100 3.74 -36.97 3.83
CA ALA C 100 4.59 -38.16 3.64
C ALA C 100 4.60 -38.59 2.17
N ARG C 101 3.48 -39.13 1.70
CA ARG C 101 3.39 -39.60 0.32
C ARG C 101 3.39 -38.40 -0.63
N ILE C 102 4.46 -38.27 -1.41
CA ILE C 102 4.59 -37.20 -2.39
C ILE C 102 5.44 -37.74 -3.54
N ALA C 103 5.15 -37.29 -4.76
CA ALA C 103 5.84 -37.76 -5.95
C ALA C 103 6.36 -36.57 -6.73
N ALA C 104 7.69 -36.50 -6.91
CA ALA C 104 8.33 -35.38 -7.57
C ALA C 104 9.02 -35.85 -8.84
N SER C 105 8.97 -35.01 -9.87
CA SER C 105 9.55 -35.32 -11.17
C SER C 105 10.22 -34.09 -11.74
N TYR C 106 11.22 -34.31 -12.60
CA TYR C 106 11.95 -33.23 -13.28
C TYR C 106 12.10 -33.63 -14.75
N THR C 107 11.23 -33.09 -15.59
CA THR C 107 11.23 -33.40 -17.02
C THR C 107 11.23 -32.10 -17.81
N GLU C 108 12.10 -32.03 -18.82
CA GLU C 108 12.23 -30.84 -19.66
C GLU C 108 12.50 -29.58 -18.83
N GLY C 109 13.36 -29.73 -17.82
CA GLY C 109 13.64 -28.63 -16.92
C GLY C 109 12.45 -28.21 -16.09
N VAL C 110 11.56 -29.14 -15.76
CA VAL C 110 10.32 -28.87 -15.05
C VAL C 110 10.31 -29.69 -13.77
N LEU C 111 10.04 -29.02 -12.64
CA LEU C 111 9.96 -29.66 -11.33
C LEU C 111 8.49 -29.77 -10.94
N LYS C 112 7.87 -30.89 -11.31
CA LYS C 112 6.47 -31.14 -11.01
C LYS C 112 6.38 -31.94 -9.70
N LEU C 113 5.87 -31.31 -8.66
CA LEU C 113 5.59 -31.97 -7.39
C LEU C 113 4.11 -32.33 -7.33
N GLN C 114 3.83 -33.50 -6.75
CA GLN C 114 2.48 -34.05 -6.70
C GLN C 114 2.22 -34.55 -5.28
N ILE C 115 1.28 -33.89 -4.59
CA ILE C 115 0.97 -34.25 -3.21
C ILE C 115 -0.48 -34.72 -3.13
N PRO C 116 -0.73 -35.98 -2.80
CA PRO C 116 -2.12 -36.43 -2.57
C PRO C 116 -2.78 -35.64 -1.46
N VAL C 117 -4.11 -35.71 -1.44
CA VAL C 117 -4.90 -34.96 -0.47
C VAL C 117 -5.83 -35.91 0.28
N ALA C 118 -6.78 -35.35 1.02
CA ALA C 118 -7.74 -36.15 1.76
C ALA C 118 -9.14 -35.53 1.66
N GLY D 20 2.57 5.19 9.77
CA GLY D 20 1.51 4.21 9.77
C GLY D 20 0.64 4.25 11.02
N THR D 21 -0.67 4.25 10.82
CA THR D 21 -1.61 4.28 11.93
C THR D 21 -1.91 2.86 12.41
N SER D 22 -2.82 2.75 13.38
CA SER D 22 -3.18 1.44 13.91
C SER D 22 -3.98 0.63 12.90
N ALA D 23 -4.83 1.30 12.11
CA ALA D 23 -5.62 0.60 11.10
C ALA D 23 -4.73 0.10 9.96
N ARG D 24 -3.96 1.01 9.37
CA ARG D 24 -3.03 0.68 8.30
C ARG D 24 -1.61 0.79 8.83
N PRO D 25 -1.00 -0.29 9.29
CA PRO D 25 0.34 -0.21 9.87
C PRO D 25 1.42 -0.27 8.81
N ALA D 26 2.60 0.19 9.21
CA ALA D 26 3.79 0.14 8.36
C ALA D 26 4.60 -1.10 8.69
N VAL D 27 5.36 -1.57 7.71
CA VAL D 27 6.17 -2.77 7.87
C VAL D 27 7.52 -2.40 8.49
N MET D 28 8.09 -3.35 9.23
CA MET D 28 9.37 -3.15 9.89
C MET D 28 10.40 -4.14 9.33
N PRO D 29 11.67 -3.76 9.29
CA PRO D 29 12.70 -4.68 8.79
C PRO D 29 13.00 -5.78 9.78
N MET D 30 13.56 -6.88 9.26
CA MET D 30 13.87 -8.05 10.06
C MET D 30 14.80 -8.95 9.26
N ASP D 31 15.52 -9.80 9.98
CA ASP D 31 16.32 -10.87 9.39
C ASP D 31 16.04 -12.16 10.13
N ALA D 32 15.59 -13.18 9.41
CA ALA D 32 15.25 -14.47 9.99
C ALA D 32 16.20 -15.52 9.42
N TRP D 33 17.04 -16.09 10.29
CA TRP D 33 17.99 -17.12 9.90
C TRP D 33 17.95 -18.24 10.92
N ARG D 34 18.24 -19.45 10.43
CA ARG D 34 18.25 -20.65 11.27
C ARG D 34 19.66 -20.87 11.79
N GLU D 35 19.84 -20.78 13.11
CA GLU D 35 21.14 -20.91 13.75
C GLU D 35 21.13 -22.17 14.61
N GLY D 36 21.40 -23.30 13.97
CA GLY D 36 21.47 -24.59 14.65
C GLY D 36 20.27 -24.92 15.50
N ASP D 37 20.46 -24.91 16.82
CA ASP D 37 19.39 -25.26 17.73
C ASP D 37 18.31 -24.19 17.80
N LYS D 38 18.64 -22.94 17.49
CA LYS D 38 17.72 -21.81 17.67
C LYS D 38 17.50 -21.09 16.34
N PHE D 39 16.23 -20.90 15.98
CA PHE D 39 15.86 -20.06 14.85
C PHE D 39 15.68 -18.62 15.35
N VAL D 40 16.39 -17.69 14.74
CA VAL D 40 16.47 -16.31 15.24
C VAL D 40 15.92 -15.37 14.18
N VAL D 41 15.03 -14.46 14.59
CA VAL D 41 14.49 -13.41 13.75
C VAL D 41 14.64 -12.10 14.50
N GLU D 42 15.29 -11.12 13.87
CA GLU D 42 15.62 -9.86 14.51
C GLU D 42 14.92 -8.70 13.81
N PHE D 43 14.23 -7.87 14.58
CA PHE D 43 13.59 -6.66 14.08
C PHE D 43 14.39 -5.43 14.50
N ASP D 44 14.19 -4.34 13.76
CA ASP D 44 14.88 -3.08 14.02
C ASP D 44 13.85 -2.07 14.53
N LEU D 45 13.93 -1.75 15.82
CA LEU D 45 13.04 -0.80 16.47
C LEU D 45 13.87 0.15 17.32
N PRO D 46 14.47 1.17 16.70
CA PRO D 46 15.32 2.09 17.47
C PRO D 46 14.51 3.09 18.26
N GLY D 47 14.93 3.30 19.52
CA GLY D 47 14.29 4.27 20.39
C GLY D 47 12.82 4.01 20.63
N ILE D 48 12.47 2.77 20.95
CA ILE D 48 11.08 2.36 21.16
C ILE D 48 10.80 2.30 22.65
N ASP D 49 9.70 2.95 23.06
CA ASP D 49 9.26 2.86 24.45
C ASP D 49 8.50 1.56 24.67
N ALA D 50 8.77 0.92 25.82
CA ALA D 50 8.19 -0.39 26.09
C ALA D 50 6.68 -0.34 26.30
N ASP D 51 6.13 0.83 26.64
CA ASP D 51 4.70 0.93 26.88
C ASP D 51 3.88 0.69 25.62
N SER D 52 4.52 0.73 24.44
CA SER D 52 3.83 0.49 23.18
C SER D 52 4.27 -0.80 22.49
N LEU D 53 5.45 -1.32 22.81
CA LEU D 53 5.91 -2.55 22.20
C LEU D 53 5.15 -3.73 22.76
N ASP D 54 4.43 -4.45 21.89
CA ASP D 54 3.61 -5.59 22.31
C ASP D 54 3.64 -6.64 21.22
N ILE D 55 4.07 -7.85 21.57
CA ILE D 55 4.05 -8.98 20.65
C ILE D 55 3.09 -10.02 21.20
N ASP D 56 1.79 -9.75 21.09
CA ASP D 56 0.75 -10.62 21.62
C ASP D 56 0.17 -11.46 20.49
N ILE D 57 0.33 -12.77 20.59
CA ILE D 57 -0.10 -13.70 19.54
C ILE D 57 -0.26 -15.08 20.15
N GLU D 58 -0.84 -16.01 19.40
CA GLU D 58 -1.01 -17.38 19.87
C GLU D 58 0.02 -18.31 19.26
N ARG D 59 -0.33 -19.60 19.14
CA ARG D 59 0.62 -20.61 18.71
C ARG D 59 0.77 -20.67 17.19
N ASN D 60 -0.26 -20.26 16.44
CA ASN D 60 -0.23 -20.36 14.99
C ASN D 60 0.86 -19.48 14.39
N VAL D 61 0.71 -18.16 14.50
CA VAL D 61 1.66 -17.23 13.93
C VAL D 61 2.34 -16.44 15.04
N VAL D 62 3.20 -15.50 14.67
CA VAL D 62 3.89 -14.62 15.61
C VAL D 62 3.77 -13.20 15.09
N THR D 63 2.93 -12.39 15.74
CA THR D 63 2.68 -11.02 15.35
C THR D 63 3.40 -10.08 16.31
N VAL D 64 4.26 -9.23 15.76
CA VAL D 64 5.01 -8.23 16.53
C VAL D 64 4.44 -6.86 16.21
N ARG D 65 3.97 -6.16 17.24
CA ARG D 65 3.43 -4.83 17.11
C ARG D 65 4.23 -3.85 17.96
N ALA D 66 4.37 -2.62 17.46
CA ALA D 66 5.05 -1.58 18.19
C ALA D 66 4.55 -0.23 17.69
N GLU D 67 4.55 0.76 18.57
CA GLU D 67 4.05 2.08 18.25
C GLU D 67 5.10 3.12 18.61
N ARG D 68 5.50 3.91 17.62
CA ARG D 68 6.39 5.04 17.86
C ARG D 68 5.56 6.31 18.01
N PRO D 69 5.79 7.12 19.03
CA PRO D 69 4.91 8.27 19.26
C PRO D 69 5.04 9.30 18.15
N ALA D 70 3.92 9.96 17.87
CA ALA D 70 3.92 11.04 16.88
C ALA D 70 4.80 12.19 17.37
N VAL D 71 5.13 13.09 16.45
CA VAL D 71 5.99 14.22 16.78
C VAL D 71 5.36 15.05 17.88
N ASP D 72 6.19 15.58 18.77
CA ASP D 72 5.72 16.40 19.88
C ASP D 72 4.88 17.56 19.34
N PRO D 73 3.59 17.64 19.68
CA PRO D 73 2.75 18.69 19.10
C PRO D 73 3.23 20.11 19.39
N ASN D 74 3.91 20.32 20.51
CA ASN D 74 4.43 21.63 20.87
C ASN D 74 5.83 21.88 20.33
N ARG D 75 6.44 20.90 19.67
CA ARG D 75 7.82 20.97 19.23
C ARG D 75 7.87 20.80 17.71
N GLU D 76 7.70 21.90 16.99
CA GLU D 76 7.85 21.87 15.54
C GLU D 76 9.33 21.96 15.17
N MET D 77 9.77 21.08 14.28
CA MET D 77 11.17 20.92 13.95
C MET D 77 11.46 21.38 12.53
N LEU D 78 12.74 21.50 12.22
CA LEU D 78 13.18 21.89 10.89
C LEU D 78 13.38 20.65 10.00
N SER D 80 12.35 16.68 10.17
CA SER D 80 11.54 15.51 10.51
C SER D 80 11.69 14.42 9.45
N GLU D 81 12.81 13.70 9.51
CA GLU D 81 13.12 12.65 8.55
C GLU D 81 13.06 11.25 9.14
N ARG D 82 12.73 11.11 10.42
CA ARG D 82 12.64 9.79 11.03
C ARG D 82 11.20 9.28 10.96
N PRO D 83 10.97 8.06 10.49
CA PRO D 83 9.60 7.54 10.42
C PRO D 83 9.06 7.23 11.80
N ARG D 84 7.76 7.47 11.95
CA ARG D 84 7.07 7.22 13.21
C ARG D 84 5.68 6.64 12.92
N GLY D 85 4.99 6.24 13.99
CA GLY D 85 3.67 5.68 13.88
C GLY D 85 3.61 4.25 14.40
N VAL D 86 2.74 3.45 13.79
CA VAL D 86 2.55 2.06 14.18
C VAL D 86 3.26 1.16 13.18
N PHE D 87 4.16 0.32 13.68
CA PHE D 87 4.85 -0.68 12.88
C PHE D 87 4.44 -2.06 13.36
N SER D 88 4.00 -2.91 12.43
CA SER D 88 3.54 -4.24 12.73
C SER D 88 4.13 -5.23 11.73
N ARG D 89 4.20 -6.49 12.14
CA ARG D 89 4.75 -7.54 11.29
C ARG D 89 4.13 -8.87 11.67
N GLN D 90 3.66 -9.62 10.69
CA GLN D 90 3.06 -10.93 10.90
C GLN D 90 3.99 -12.00 10.36
N LEU D 91 4.34 -12.97 11.21
CA LEU D 91 5.25 -14.05 10.85
C LEU D 91 4.47 -15.36 10.88
N VAL D 92 4.24 -15.93 9.70
CA VAL D 92 3.52 -17.19 9.55
C VAL D 92 4.54 -18.29 9.34
N LEU D 93 4.72 -19.13 10.35
CA LEU D 93 5.64 -20.27 10.28
C LEU D 93 4.87 -21.56 10.57
N GLY D 94 5.59 -22.68 10.49
CA GLY D 94 5.00 -23.98 10.72
C GLY D 94 4.82 -24.31 12.18
N GLU D 95 4.37 -25.52 12.43
CA GLU D 95 4.12 -26.02 13.78
C GLU D 95 5.38 -26.56 14.46
N ASN D 96 6.56 -26.32 13.89
CA ASN D 96 7.78 -26.95 14.40
C ASN D 96 8.24 -26.29 15.69
N LEU D 97 8.44 -24.97 15.66
CA LEU D 97 9.04 -24.27 16.79
C LEU D 97 8.15 -24.35 18.02
N ASP D 98 8.77 -24.66 19.17
CA ASP D 98 8.05 -24.68 20.43
C ASP D 98 7.77 -23.24 20.87
N THR D 99 6.50 -22.87 20.90
CA THR D 99 6.11 -21.52 21.26
C THR D 99 6.12 -21.25 22.76
N ALA D 100 6.58 -22.21 23.56
CA ALA D 100 6.55 -22.06 25.01
C ALA D 100 7.83 -21.43 25.56
N ARG D 101 8.99 -21.82 25.03
CA ARG D 101 10.28 -21.37 25.55
C ARG D 101 10.95 -20.36 24.61
N ILE D 102 10.17 -19.40 24.12
CA ILE D 102 10.70 -18.35 23.26
C ILE D 102 11.45 -17.33 24.10
N ALA D 103 12.59 -16.85 23.61
CA ALA D 103 13.40 -15.86 24.29
C ALA D 103 13.41 -14.57 23.49
N ALA D 104 13.21 -13.45 24.17
CA ALA D 104 13.19 -12.14 23.53
C ALA D 104 14.22 -11.23 24.19
N SER D 105 14.86 -10.38 23.38
CA SER D 105 15.82 -9.43 23.90
C SER D 105 15.72 -8.13 23.11
N TYR D 106 15.78 -7.01 23.81
CA TYR D 106 15.78 -5.68 23.19
C TYR D 106 17.10 -5.00 23.54
N THR D 107 18.06 -5.05 22.63
CA THR D 107 19.39 -4.50 22.87
C THR D 107 19.80 -3.63 21.69
N GLU D 108 20.31 -2.43 22.00
CA GLU D 108 20.77 -1.48 20.98
C GLU D 108 19.66 -1.17 19.97
N GLY D 109 18.44 -1.02 20.46
CA GLY D 109 17.31 -0.77 19.58
C GLY D 109 16.97 -1.92 18.66
N VAL D 110 17.38 -3.14 18.99
CA VAL D 110 17.14 -4.32 18.17
C VAL D 110 16.30 -5.31 18.97
N LEU D 111 15.26 -5.84 18.35
CA LEU D 111 14.37 -6.83 18.96
C LEU D 111 14.76 -8.20 18.41
N LYS D 112 15.66 -8.87 19.12
CA LYS D 112 16.10 -10.22 18.75
C LYS D 112 15.15 -11.23 19.36
N LEU D 113 14.53 -12.04 18.51
CA LEU D 113 13.65 -13.13 18.91
C LEU D 113 14.32 -14.46 18.60
N GLN D 114 14.45 -15.30 19.62
CA GLN D 114 15.04 -16.63 19.47
C GLN D 114 14.00 -17.67 19.84
N ILE D 115 13.62 -18.49 18.87
CA ILE D 115 12.63 -19.54 19.06
C ILE D 115 13.31 -20.88 18.78
N PRO D 116 13.32 -21.83 19.72
CA PRO D 116 13.94 -23.12 19.46
C PRO D 116 13.12 -23.98 18.51
N VAL D 117 13.62 -25.15 18.17
CA VAL D 117 12.90 -26.06 17.27
C VAL D 117 12.54 -27.35 18.01
N ARG D 124 12.67 -36.66 6.86
CA ARG D 124 12.62 -37.55 5.71
C ARG D 124 13.00 -36.81 4.43
N LYS D 125 13.35 -37.55 3.39
CA LYS D 125 13.59 -37.01 2.07
C LYS D 125 12.54 -37.57 1.11
N ILE D 126 12.58 -37.10 -0.14
CA ILE D 126 11.68 -37.60 -1.16
C ILE D 126 12.51 -38.18 -2.30
N SER D 127 11.85 -38.96 -3.14
CA SER D 127 12.51 -39.69 -4.21
C SER D 127 13.32 -38.75 -5.11
N ILE D 128 14.42 -39.27 -5.65
CA ILE D 128 15.17 -38.57 -6.68
C ILE D 128 14.21 -38.29 -7.82
N THR D 129 13.95 -37.00 -8.06
CA THR D 129 12.91 -36.58 -8.99
C THR D 129 13.12 -37.20 -10.36
N ARG D 130 12.03 -37.70 -10.94
CA ARG D 130 12.03 -38.42 -12.21
C ARG D 130 12.78 -37.67 -13.31
N SER E 22 -15.23 16.62 1.15
CA SER E 22 -16.12 16.78 0.01
C SER E 22 -15.51 17.73 -1.03
N ALA E 23 -14.44 18.42 -0.63
CA ALA E 23 -13.78 19.35 -1.54
C ALA E 23 -13.06 18.59 -2.66
N ARG E 24 -12.28 17.56 -2.29
CA ARG E 24 -11.56 16.73 -3.24
C ARG E 24 -12.18 15.34 -3.24
N PRO E 25 -13.13 15.06 -4.12
CA PRO E 25 -13.80 13.75 -4.13
C PRO E 25 -13.07 12.73 -4.99
N ALA E 26 -13.31 11.46 -4.66
CA ALA E 26 -12.81 10.36 -5.45
C ALA E 26 -13.86 9.93 -6.47
N VAL E 27 -13.39 9.40 -7.59
CA VAL E 27 -14.27 9.02 -8.68
C VAL E 27 -14.77 7.59 -8.44
N MET E 28 -15.96 7.30 -8.98
CA MET E 28 -16.61 6.01 -8.84
C MET E 28 -16.72 5.31 -10.18
N PRO E 29 -16.70 3.97 -10.19
CA PRO E 29 -16.84 3.25 -11.46
C PRO E 29 -18.27 3.35 -12.00
N MET E 30 -18.39 3.22 -13.31
CA MET E 30 -19.67 3.41 -13.98
C MET E 30 -19.65 2.73 -15.34
N ASP E 31 -20.73 2.00 -15.64
CA ASP E 31 -20.92 1.37 -16.94
C ASP E 31 -22.20 1.91 -17.55
N ALA E 32 -22.09 2.54 -18.73
CA ALA E 32 -23.21 3.14 -19.41
C ALA E 32 -23.41 2.52 -20.78
N TRP E 33 -24.66 2.26 -21.14
CA TRP E 33 -24.98 1.74 -22.45
C TRP E 33 -26.38 2.19 -22.84
N ARG E 34 -26.65 2.16 -24.14
CA ARG E 34 -27.93 2.61 -24.70
C ARG E 34 -28.79 1.38 -24.98
N GLU E 35 -29.84 1.20 -24.19
CA GLU E 35 -30.77 0.09 -24.34
C GLU E 35 -32.05 0.60 -24.99
N GLY E 36 -31.99 0.74 -26.31
CA GLY E 36 -33.13 1.19 -27.10
C GLY E 36 -33.71 2.51 -26.64
N ASP E 37 -34.92 2.46 -26.09
CA ASP E 37 -35.60 3.67 -25.65
C ASP E 37 -35.04 4.22 -24.35
N LYS E 38 -34.27 3.43 -23.61
CA LYS E 38 -33.78 3.83 -22.29
C LYS E 38 -32.25 3.75 -22.28
N PHE E 39 -31.61 4.89 -22.01
CA PHE E 39 -30.16 4.94 -21.81
C PHE E 39 -29.89 4.69 -20.32
N VAL E 40 -29.05 3.69 -20.04
CA VAL E 40 -28.85 3.20 -18.68
C VAL E 40 -27.40 3.42 -18.27
N VAL E 41 -27.22 4.03 -17.10
CA VAL E 41 -25.92 4.23 -16.47
C VAL E 41 -25.94 3.51 -15.13
N GLU E 42 -24.83 2.85 -14.80
CA GLU E 42 -24.74 2.04 -13.58
C GLU E 42 -23.52 2.45 -12.78
N PHE E 43 -23.73 2.75 -11.50
CA PHE E 43 -22.66 3.06 -10.57
C PHE E 43 -22.57 1.98 -9.51
N ASP E 44 -21.34 1.75 -9.02
CA ASP E 44 -21.07 0.76 -7.99
C ASP E 44 -20.88 1.48 -6.66
N LEU E 45 -21.91 1.42 -5.81
CA LEU E 45 -21.88 2.02 -4.48
C LEU E 45 -22.27 0.96 -3.46
N PRO E 46 -21.33 0.08 -3.10
CA PRO E 46 -21.66 -1.01 -2.16
C PRO E 46 -21.72 -0.51 -0.73
N GLY E 47 -22.77 -0.91 -0.01
CA GLY E 47 -22.92 -0.56 1.39
C GLY E 47 -22.99 0.93 1.66
N ILE E 48 -23.87 1.62 0.95
CA ILE E 48 -24.02 3.07 1.09
C ILE E 48 -25.36 3.35 1.75
N ASP E 49 -25.37 4.28 2.70
CA ASP E 49 -26.59 4.71 3.36
C ASP E 49 -27.37 5.65 2.45
N ALA E 50 -28.68 5.40 2.31
CA ALA E 50 -29.50 6.21 1.42
C ALA E 50 -29.59 7.66 1.88
N ASP E 51 -29.35 7.94 3.16
CA ASP E 51 -29.37 9.32 3.63
C ASP E 51 -28.21 10.12 3.06
N SER E 52 -27.09 9.47 2.76
CA SER E 52 -25.95 10.14 2.17
C SER E 52 -25.99 10.16 0.65
N LEU E 53 -26.73 9.25 0.03
CA LEU E 53 -26.85 9.22 -1.43
C LEU E 53 -27.65 10.43 -1.90
N ASP E 54 -27.01 11.29 -2.69
CA ASP E 54 -27.63 12.51 -3.19
C ASP E 54 -27.35 12.63 -4.68
N ILE E 55 -28.42 12.78 -5.46
CA ILE E 55 -28.33 12.92 -6.91
C ILE E 55 -28.84 14.31 -7.26
N ASP E 56 -27.92 15.25 -7.44
CA ASP E 56 -28.27 16.63 -7.78
C ASP E 56 -28.14 16.81 -9.29
N ILE E 57 -29.24 17.16 -9.94
CA ILE E 57 -29.26 17.33 -11.39
C ILE E 57 -30.04 18.60 -11.72
N GLU E 58 -29.50 19.41 -12.63
CA GLU E 58 -30.17 20.62 -13.09
C GLU E 58 -29.78 20.84 -14.54
N ARG E 59 -30.78 21.17 -15.37
CA ARG E 59 -30.61 21.39 -16.81
C ARG E 59 -30.14 20.09 -17.44
N ASN E 60 -28.96 20.03 -18.06
CA ASN E 60 -28.55 18.87 -18.84
C ASN E 60 -27.33 18.16 -18.25
N VAL E 61 -27.01 18.42 -16.99
CA VAL E 61 -25.87 17.78 -16.32
C VAL E 61 -26.39 17.05 -15.09
N VAL E 62 -25.91 15.82 -14.90
CA VAL E 62 -26.32 14.96 -13.79
C VAL E 62 -25.13 14.78 -12.87
N THR E 63 -25.30 15.15 -11.60
CA THR E 63 -24.24 15.05 -10.60
C THR E 63 -24.63 14.00 -9.56
N VAL E 64 -23.80 12.96 -9.43
CA VAL E 64 -24.03 11.88 -8.48
C VAL E 64 -23.01 12.02 -7.36
N ARG E 65 -23.51 12.14 -6.13
CA ARG E 65 -22.65 12.31 -4.96
C ARG E 65 -23.08 11.32 -3.88
N ALA E 66 -22.10 10.61 -3.34
CA ALA E 66 -22.35 9.65 -2.27
C ALA E 66 -21.25 9.76 -1.23
N GLU E 67 -21.59 9.39 0.00
CA GLU E 67 -20.66 9.45 1.13
C GLU E 67 -20.62 8.11 1.83
N ARG E 68 -19.42 7.61 2.10
CA ARG E 68 -19.27 6.34 2.80
C ARG E 68 -18.24 6.44 3.92
N ASN E 74 -8.52 4.59 13.07
CA ASN E 74 -7.67 4.25 14.20
C ASN E 74 -8.39 3.30 15.16
N ARG E 75 -8.55 2.04 14.74
CA ARG E 75 -9.22 1.04 15.54
C ARG E 75 -8.44 -0.28 15.55
N GLU E 76 -7.18 -0.27 15.12
CA GLU E 76 -6.34 -1.46 15.08
C GLU E 76 -6.96 -2.55 14.23
N MET E 77 -7.49 -2.18 13.07
CA MET E 77 -8.09 -3.16 12.17
C MET E 77 -7.02 -4.06 11.56
N LEU E 78 -7.41 -5.29 11.27
CA LEU E 78 -6.49 -6.22 10.63
C LEU E 78 -6.21 -5.80 9.19
N ALA E 79 -7.23 -5.35 8.46
CA ALA E 79 -7.07 -4.89 7.09
C ALA E 79 -8.03 -3.74 6.84
N SER E 80 -7.60 -2.80 6.00
CA SER E 80 -8.40 -1.63 5.66
C SER E 80 -8.27 -1.36 4.16
N GLU E 81 -8.61 -2.37 3.36
CA GLU E 81 -8.42 -2.29 1.91
C GLU E 81 -9.58 -1.59 1.20
N ARG E 82 -10.74 -1.50 1.85
CA ARG E 82 -11.91 -0.90 1.19
C ARG E 82 -11.76 0.61 1.13
N PRO E 83 -11.98 1.24 -0.02
CA PRO E 83 -11.92 2.70 -0.09
C PRO E 83 -13.17 3.34 0.49
N ARG E 84 -12.97 4.43 1.21
CA ARG E 84 -14.07 5.15 1.86
C ARG E 84 -13.91 6.64 1.59
N GLY E 85 -14.90 7.41 2.03
CA GLY E 85 -14.88 8.86 1.82
C GLY E 85 -16.00 9.33 0.92
N VAL E 86 -15.77 10.46 0.25
CA VAL E 86 -16.75 11.08 -0.64
C VAL E 86 -16.48 10.62 -2.06
N PHE E 87 -17.48 10.03 -2.70
CA PHE E 87 -17.40 9.63 -4.09
C PHE E 87 -18.35 10.50 -4.92
N SER E 88 -17.90 10.88 -6.11
CA SER E 88 -18.69 11.77 -6.95
C SER E 88 -18.49 11.41 -8.42
N ARG E 89 -19.44 11.84 -9.24
CA ARG E 89 -19.40 11.60 -10.68
C ARG E 89 -20.19 12.70 -11.38
N GLN E 90 -19.58 13.29 -12.41
CA GLN E 90 -20.17 14.38 -13.18
C GLN E 90 -20.47 13.86 -14.58
N LEU E 91 -21.74 13.84 -14.94
CA LEU E 91 -22.20 13.30 -16.22
C LEU E 91 -22.75 14.43 -17.09
N VAL E 92 -22.10 14.67 -18.22
CA VAL E 92 -22.57 15.64 -19.21
C VAL E 92 -23.40 14.87 -20.24
N LEU E 93 -24.69 15.14 -20.29
CA LEU E 93 -25.61 14.46 -21.19
C LEU E 93 -25.98 15.37 -22.35
N GLY E 94 -26.41 14.73 -23.45
CA GLY E 94 -26.85 15.45 -24.63
C GLY E 94 -28.33 15.81 -24.54
N GLU E 95 -28.81 16.48 -25.58
CA GLU E 95 -30.20 16.89 -25.67
C GLU E 95 -31.13 15.76 -26.10
N ASN E 96 -30.63 14.53 -26.20
CA ASN E 96 -31.43 13.41 -26.68
C ASN E 96 -32.27 12.76 -25.58
N LEU E 97 -32.02 13.09 -24.32
CA LEU E 97 -32.70 12.46 -23.20
C LEU E 97 -33.53 13.49 -22.43
N ASP E 98 -34.69 13.07 -21.96
CA ASP E 98 -35.55 13.92 -21.12
C ASP E 98 -35.03 13.87 -19.69
N THR E 99 -34.63 15.02 -19.16
CA THR E 99 -34.03 15.09 -17.84
C THR E 99 -35.07 15.11 -16.71
N ALA E 100 -36.33 15.35 -17.02
CA ALA E 100 -37.35 15.39 -15.98
C ALA E 100 -37.77 14.00 -15.54
N ARG E 101 -38.01 13.11 -16.50
CA ARG E 101 -38.46 11.74 -16.21
C ARG E 101 -37.23 10.83 -16.22
N ILE E 102 -36.71 10.54 -15.03
CA ILE E 102 -35.55 9.67 -14.86
C ILE E 102 -35.85 8.68 -13.75
N ALA E 103 -35.62 7.40 -14.03
CA ALA E 103 -35.85 6.34 -13.05
C ALA E 103 -34.53 5.93 -12.41
N ALA E 104 -34.57 5.64 -11.11
CA ALA E 104 -33.38 5.28 -10.36
C ALA E 104 -33.71 4.15 -9.39
N SER E 105 -32.75 3.25 -9.20
CA SER E 105 -32.91 2.14 -8.27
C SER E 105 -31.56 1.84 -7.63
N TYR E 106 -31.61 1.28 -6.43
CA TYR E 106 -30.40 0.88 -5.70
C TYR E 106 -30.61 -0.55 -5.20
N THR E 107 -29.98 -1.50 -5.88
CA THR E 107 -30.13 -2.91 -5.52
C THR E 107 -28.79 -3.62 -5.65
N GLU E 108 -28.50 -4.51 -4.71
CA GLU E 108 -27.25 -5.28 -4.68
C GLU E 108 -26.04 -4.36 -4.71
N GLY E 109 -26.12 -3.25 -3.99
CA GLY E 109 -25.03 -2.28 -3.96
C GLY E 109 -24.79 -1.59 -5.28
N VAL E 110 -25.78 -1.58 -6.17
CA VAL E 110 -25.65 -0.98 -7.50
C VAL E 110 -26.69 0.12 -7.63
N LEU E 111 -26.25 1.30 -8.05
CA LEU E 111 -27.12 2.43 -8.33
C LEU E 111 -27.34 2.47 -9.83
N LYS E 112 -28.48 1.95 -10.28
CA LYS E 112 -28.83 1.90 -11.69
C LYS E 112 -29.79 3.04 -12.01
N LEU E 113 -29.42 3.88 -12.96
CA LEU E 113 -30.24 5.01 -13.39
C LEU E 113 -30.57 4.83 -14.87
N GLN E 114 -31.85 4.79 -15.20
CA GLN E 114 -32.31 4.70 -16.58
C GLN E 114 -33.05 5.98 -16.94
N ILE E 115 -32.62 6.62 -18.01
CA ILE E 115 -33.23 7.85 -18.52
C ILE E 115 -33.71 7.57 -19.94
N PRO E 116 -35.01 7.74 -20.23
CA PRO E 116 -35.51 7.50 -21.59
C PRO E 116 -34.90 8.48 -22.58
N VAL E 117 -35.11 8.17 -23.86
CA VAL E 117 -34.60 9.02 -24.94
C VAL E 117 -35.54 10.21 -25.16
N VAL F 18 -7.30 -5.30 -13.54
CA VAL F 18 -8.09 -5.07 -14.75
C VAL F 18 -9.29 -6.01 -14.77
N LEU F 19 -9.07 -7.22 -15.26
CA LEU F 19 -10.12 -8.24 -15.32
C LEU F 19 -9.55 -9.55 -14.78
N GLY F 20 -10.29 -10.20 -13.90
CA GLY F 20 -9.85 -11.43 -13.26
C GLY F 20 -10.55 -12.64 -13.86
N THR F 21 -9.75 -13.63 -14.24
CA THR F 21 -10.26 -14.89 -14.75
C THR F 21 -10.12 -15.97 -13.69
N SER F 22 -10.65 -17.16 -14.00
CA SER F 22 -10.62 -18.25 -13.04
C SER F 22 -9.20 -18.72 -12.76
N ALA F 23 -8.31 -18.62 -13.74
CA ALA F 23 -6.92 -19.03 -13.53
C ALA F 23 -6.12 -17.96 -12.81
N ARG F 24 -6.30 -16.70 -13.18
CA ARG F 24 -5.63 -15.56 -12.56
C ARG F 24 -6.70 -14.63 -11.97
N PRO F 25 -7.12 -14.87 -10.73
CA PRO F 25 -8.20 -14.07 -10.16
C PRO F 25 -7.71 -12.70 -9.69
N ALA F 26 -8.63 -11.75 -9.72
CA ALA F 26 -8.36 -10.40 -9.23
C ALA F 26 -8.74 -10.29 -7.75
N VAL F 27 -7.97 -9.49 -7.03
CA VAL F 27 -8.19 -9.31 -5.60
C VAL F 27 -9.38 -8.39 -5.38
N MET F 28 -10.05 -8.56 -4.23
CA MET F 28 -11.21 -7.76 -3.87
C MET F 28 -10.95 -7.02 -2.57
N PRO F 29 -11.54 -5.84 -2.41
CA PRO F 29 -11.33 -5.08 -1.17
C PRO F 29 -12.02 -5.73 0.02
N MET F 30 -11.45 -5.50 1.21
CA MET F 30 -11.93 -6.14 2.42
C MET F 30 -11.51 -5.32 3.62
N ASP F 31 -12.41 -5.21 4.60
CA ASP F 31 -12.14 -4.54 5.86
C ASP F 31 -12.39 -5.51 7.00
N ALA F 32 -11.33 -5.84 7.74
CA ALA F 32 -11.40 -6.81 8.82
C ALA F 32 -11.07 -6.13 10.15
N TRP F 33 -11.99 -6.26 11.12
CA TRP F 33 -11.78 -5.73 12.45
C TRP F 33 -12.25 -6.75 13.48
N ARG F 34 -11.67 -6.66 14.67
CA ARG F 34 -11.90 -7.63 15.73
C ARG F 34 -12.78 -7.00 16.80
N GLU F 35 -14.05 -7.40 16.83
CA GLU F 35 -14.93 -7.03 17.93
C GLU F 35 -14.60 -7.87 19.16
N GLY F 36 -15.11 -7.43 20.32
CA GLY F 36 -14.83 -8.15 21.55
C GLY F 36 -15.25 -9.60 21.51
N ASP F 37 -16.40 -9.88 20.90
CA ASP F 37 -16.92 -11.24 20.81
C ASP F 37 -16.95 -11.79 19.39
N LYS F 38 -17.04 -10.93 18.38
CA LYS F 38 -17.17 -11.37 17.00
C LYS F 38 -16.08 -10.73 16.15
N PHE F 39 -15.35 -11.57 15.42
CA PHE F 39 -14.34 -11.09 14.47
C PHE F 39 -14.99 -10.93 13.11
N VAL F 40 -14.98 -9.71 12.58
CA VAL F 40 -15.77 -9.35 11.42
C VAL F 40 -14.86 -9.07 10.23
N VAL F 41 -15.24 -9.58 9.06
CA VAL F 41 -14.59 -9.29 7.80
C VAL F 41 -15.66 -8.84 6.80
N GLU F 42 -15.34 -7.86 5.97
CA GLU F 42 -16.28 -7.30 5.02
C GLU F 42 -15.67 -7.28 3.63
N PHE F 43 -16.40 -7.85 2.66
CA PHE F 43 -16.00 -7.85 1.26
C PHE F 43 -16.97 -7.02 0.45
N ASP F 44 -16.43 -6.30 -0.55
CA ASP F 44 -17.23 -5.44 -1.42
C ASP F 44 -17.55 -6.21 -2.70
N LEU F 45 -18.76 -6.73 -2.79
CA LEU F 45 -19.22 -7.49 -3.96
C LEU F 45 -20.55 -6.91 -4.43
N PRO F 46 -20.51 -5.80 -5.19
CA PRO F 46 -21.75 -5.17 -5.64
C PRO F 46 -22.32 -5.88 -6.86
N GLY F 47 -23.62 -6.16 -6.83
CA GLY F 47 -24.30 -6.76 -7.96
C GLY F 47 -23.81 -8.14 -8.31
N ILE F 48 -23.67 -9.01 -7.32
CA ILE F 48 -23.18 -10.37 -7.51
C ILE F 48 -24.35 -11.34 -7.41
N ASP F 49 -24.33 -12.36 -8.26
CA ASP F 49 -25.34 -13.40 -8.24
C ASP F 49 -24.90 -14.52 -7.30
N ALA F 50 -25.83 -14.97 -6.44
CA ALA F 50 -25.51 -16.00 -5.46
C ALA F 50 -25.16 -17.33 -6.10
N ASP F 51 -25.58 -17.57 -7.34
CA ASP F 51 -25.23 -18.82 -8.02
C ASP F 51 -23.74 -18.90 -8.29
N SER F 52 -23.08 -17.77 -8.54
CA SER F 52 -21.65 -17.74 -8.75
C SER F 52 -20.87 -17.51 -7.47
N LEU F 53 -21.46 -16.83 -6.49
CA LEU F 53 -20.81 -16.62 -5.20
C LEU F 53 -20.67 -17.95 -4.47
N ASP F 54 -19.42 -18.36 -4.24
CA ASP F 54 -19.12 -19.65 -3.63
C ASP F 54 -18.07 -19.47 -2.55
N ILE F 55 -18.48 -19.66 -1.29
CA ILE F 55 -17.55 -19.66 -0.17
C ILE F 55 -17.21 -21.10 0.17
N ASP F 56 -16.62 -21.81 -0.79
CA ASP F 56 -16.34 -23.24 -0.63
C ASP F 56 -14.91 -23.41 -0.10
N ILE F 57 -14.80 -23.84 1.16
CA ILE F 57 -13.50 -24.11 1.77
C ILE F 57 -13.75 -24.87 3.06
N GLU F 58 -12.70 -25.48 3.61
CA GLU F 58 -12.80 -26.23 4.84
C GLU F 58 -12.57 -25.35 6.07
N ARG F 59 -12.17 -25.96 7.17
CA ARG F 59 -11.91 -25.20 8.39
C ARG F 59 -10.40 -24.98 8.50
N ASN F 60 -9.83 -24.30 7.52
CA ASN F 60 -8.39 -24.06 7.52
C ASN F 60 -7.94 -22.67 7.05
N VAL F 61 -8.44 -22.30 5.88
CA VAL F 61 -8.13 -21.04 5.23
C VAL F 61 -9.49 -20.70 4.69
N VAL F 62 -9.88 -19.44 4.78
CA VAL F 62 -11.20 -19.08 4.32
C VAL F 62 -11.01 -18.28 3.04
N THR F 63 -11.46 -18.84 1.92
CA THR F 63 -11.27 -18.25 0.60
C THR F 63 -12.62 -17.87 0.03
N VAL F 64 -12.80 -16.60 -0.29
CA VAL F 64 -14.02 -16.08 -0.89
C VAL F 64 -13.82 -15.98 -2.38
N ARG F 65 -14.61 -16.72 -3.15
CA ARG F 65 -14.52 -16.75 -4.61
C ARG F 65 -15.88 -16.42 -5.19
N ALA F 66 -15.95 -15.30 -5.91
CA ALA F 66 -17.17 -14.87 -6.60
C ALA F 66 -16.85 -14.60 -8.06
N GLU F 67 -17.90 -14.57 -8.87
CA GLU F 67 -17.76 -14.38 -10.31
C GLU F 67 -18.78 -13.36 -10.79
N ARG F 68 -18.30 -12.32 -11.48
CA ARG F 68 -19.17 -11.35 -12.12
C ARG F 68 -19.05 -11.48 -13.63
N PRO F 69 -20.17 -11.57 -14.35
CA PRO F 69 -20.10 -11.88 -15.78
C PRO F 69 -19.36 -10.80 -16.57
N ALA F 70 -18.73 -11.24 -17.65
CA ALA F 70 -17.96 -10.34 -18.50
C ALA F 70 -18.87 -9.59 -19.45
N VAL F 71 -18.26 -8.65 -20.20
CA VAL F 71 -18.98 -7.83 -21.16
C VAL F 71 -18.78 -8.41 -22.55
N ASP F 72 -19.81 -8.31 -23.38
CA ASP F 72 -19.72 -8.77 -24.75
C ASP F 72 -18.76 -7.91 -25.54
N PRO F 73 -17.70 -8.46 -26.12
CA PRO F 73 -16.77 -7.64 -26.91
C PRO F 73 -17.41 -7.04 -28.15
N ASN F 74 -18.54 -7.58 -28.62
CA ASN F 74 -19.23 -7.04 -29.78
C ASN F 74 -20.25 -5.97 -29.42
N ARG F 75 -20.83 -6.04 -28.21
CA ARG F 75 -21.78 -5.03 -27.78
C ARG F 75 -21.09 -3.68 -27.62
N GLU F 76 -21.71 -2.63 -28.13
CA GLU F 76 -21.13 -1.29 -28.12
C GLU F 76 -21.73 -0.49 -26.98
N MET F 77 -20.98 -0.39 -25.88
CA MET F 77 -21.37 0.42 -24.74
C MET F 77 -20.71 1.80 -24.84
N LEU F 78 -21.22 2.74 -24.02
CA LEU F 78 -20.64 4.08 -24.02
C LEU F 78 -19.43 4.15 -23.10
N ALA F 79 -19.50 3.55 -21.93
CA ALA F 79 -18.39 3.54 -20.99
C ALA F 79 -18.33 2.19 -20.29
N SER F 80 -17.16 1.56 -20.33
CA SER F 80 -16.91 0.28 -19.69
C SER F 80 -15.84 0.51 -18.61
N GLU F 81 -16.29 0.90 -17.42
CA GLU F 81 -15.40 1.25 -16.33
C GLU F 81 -15.50 0.33 -15.12
N ARG F 82 -16.52 -0.50 -15.03
CA ARG F 82 -16.69 -1.37 -13.87
C ARG F 82 -15.86 -2.63 -14.02
N PRO F 83 -15.11 -3.03 -12.99
CA PRO F 83 -14.34 -4.27 -13.07
C PRO F 83 -15.26 -5.48 -13.02
N ARG F 84 -14.95 -6.48 -13.85
CA ARG F 84 -15.75 -7.69 -13.95
C ARG F 84 -14.83 -8.90 -13.98
N GLY F 85 -15.43 -10.07 -13.80
CA GLY F 85 -14.69 -11.32 -13.83
C GLY F 85 -14.66 -12.01 -12.47
N VAL F 86 -13.68 -12.91 -12.34
CA VAL F 86 -13.55 -13.70 -11.12
C VAL F 86 -12.77 -12.92 -10.07
N PHE F 87 -13.36 -12.76 -8.89
CA PHE F 87 -12.71 -12.14 -7.74
C PHE F 87 -12.52 -13.19 -6.66
N SER F 88 -11.30 -13.25 -6.10
CA SER F 88 -10.98 -14.24 -5.10
C SER F 88 -10.10 -13.62 -4.02
N ARG F 89 -10.26 -14.11 -2.79
CA ARG F 89 -9.48 -13.62 -1.66
C ARG F 89 -9.20 -14.79 -0.73
N GLN F 90 -7.91 -15.01 -0.44
CA GLN F 90 -7.48 -16.08 0.46
C GLN F 90 -7.15 -15.46 1.82
N LEU F 91 -7.83 -15.93 2.86
CA LEU F 91 -7.65 -15.42 4.21
C LEU F 91 -7.06 -16.53 5.09
N VAL F 92 -5.90 -16.26 5.67
CA VAL F 92 -5.26 -17.16 6.62
C VAL F 92 -5.60 -16.68 8.03
N LEU F 93 -6.26 -17.55 8.80
CA LEU F 93 -6.69 -17.23 10.15
C LEU F 93 -5.92 -18.06 11.16
N GLY F 94 -5.75 -17.52 12.36
CA GLY F 94 -5.10 -18.24 13.43
C GLY F 94 -6.01 -19.31 14.00
N GLU F 95 -5.53 -19.92 15.09
CA GLU F 95 -6.27 -20.96 15.79
C GLU F 95 -7.24 -20.40 16.82
N ASN F 96 -7.61 -19.12 16.71
CA ASN F 96 -8.48 -18.48 17.68
C ASN F 96 -9.94 -18.44 17.27
N LEU F 97 -10.25 -18.64 16.00
CA LEU F 97 -11.61 -18.50 15.51
C LEU F 97 -12.34 -19.84 15.50
N ASP F 98 -13.60 -19.80 15.94
CA ASP F 98 -14.45 -20.99 15.86
C ASP F 98 -14.86 -21.20 14.41
N THR F 99 -14.62 -22.40 13.89
CA THR F 99 -14.80 -22.67 12.47
C THR F 99 -16.24 -23.02 12.09
N ALA F 100 -16.97 -23.69 12.97
CA ALA F 100 -18.29 -24.23 12.57
C ALA F 100 -19.38 -23.16 12.61
N ARG F 101 -19.40 -22.35 13.66
CA ARG F 101 -20.51 -21.40 13.88
C ARG F 101 -20.24 -20.06 13.22
N ILE F 102 -19.88 -20.08 11.94
CA ILE F 102 -19.62 -18.85 11.19
C ILE F 102 -20.94 -18.30 10.65
N ALA F 103 -21.08 -16.99 10.67
CA ALA F 103 -22.26 -16.30 10.13
C ALA F 103 -21.88 -15.51 8.89
N ALA F 104 -22.73 -15.58 7.87
CA ALA F 104 -22.49 -14.89 6.60
C ALA F 104 -23.76 -14.17 6.18
N SER F 105 -23.59 -12.96 5.63
CA SER F 105 -24.69 -12.14 5.18
C SER F 105 -24.27 -11.36 3.95
N TYR F 106 -25.27 -10.98 3.14
CA TYR F 106 -25.05 -10.19 1.93
C TYR F 106 -26.09 -9.08 1.92
N THR F 107 -25.66 -7.86 2.25
CA THR F 107 -26.55 -6.72 2.37
C THR F 107 -25.99 -5.55 1.57
N GLU F 108 -26.80 -5.05 0.62
CA GLU F 108 -26.43 -3.89 -0.20
C GLU F 108 -25.10 -4.10 -0.92
N GLY F 109 -24.92 -5.29 -1.49
CA GLY F 109 -23.69 -5.60 -2.17
C GLY F 109 -22.48 -5.73 -1.25
N VAL F 110 -22.71 -5.98 0.03
CA VAL F 110 -21.64 -6.11 1.02
C VAL F 110 -21.72 -7.49 1.64
N LEU F 111 -20.65 -8.27 1.50
CA LEU F 111 -20.57 -9.60 2.08
C LEU F 111 -19.95 -9.46 3.46
N LYS F 112 -20.79 -9.51 4.50
CA LYS F 112 -20.35 -9.37 5.88
C LYS F 112 -20.25 -10.76 6.51
N LEU F 113 -19.07 -11.11 7.01
CA LEU F 113 -18.82 -12.39 7.64
C LEU F 113 -18.42 -12.16 9.09
N GLN F 114 -19.11 -12.83 10.01
CA GLN F 114 -18.83 -12.74 11.44
C GLN F 114 -18.44 -14.12 11.95
N ILE F 115 -17.26 -14.21 12.55
CA ILE F 115 -16.73 -15.47 13.06
C ILE F 115 -16.45 -15.30 14.55
N PRO F 116 -17.04 -16.12 15.41
CA PRO F 116 -16.71 -16.04 16.84
C PRO F 116 -15.28 -16.46 17.11
N VAL F 117 -14.75 -15.97 18.22
CA VAL F 117 -13.36 -16.22 18.64
C VAL F 117 -13.37 -17.12 19.86
N ALA F 118 -12.56 -18.16 19.84
CA ALA F 118 -12.42 -19.09 20.96
C ALA F 118 -11.05 -18.88 21.58
N GLU F 119 -10.99 -17.98 22.55
CA GLU F 119 -9.73 -17.66 23.21
C GLU F 119 -9.40 -18.69 24.28
N LYS F 120 -8.11 -18.81 24.58
CA LYS F 120 -7.66 -19.74 25.59
C LYS F 120 -7.75 -19.11 26.99
N ALA F 121 -7.72 -19.97 28.00
CA ALA F 121 -7.85 -19.51 29.38
C ALA F 121 -6.65 -18.66 29.79
N LYS F 122 -5.44 -19.20 29.61
CA LYS F 122 -4.22 -18.50 30.01
C LYS F 122 -3.45 -18.07 28.77
N PRO F 123 -3.29 -16.77 28.52
CA PRO F 123 -2.47 -16.32 27.41
C PRO F 123 -0.99 -16.22 27.81
N ARG F 124 -0.14 -16.06 26.80
CA ARG F 124 1.30 -16.01 26.99
C ARG F 124 1.78 -14.56 27.00
N LYS F 125 2.62 -14.22 27.98
CA LYS F 125 3.30 -12.94 28.06
C LYS F 125 4.79 -13.20 28.08
N ILE F 126 5.50 -12.71 27.08
CA ILE F 126 6.90 -13.03 26.87
C ILE F 126 7.78 -12.07 27.65
N SER F 127 8.82 -12.61 28.28
CA SER F 127 9.81 -11.81 28.99
C SER F 127 10.93 -11.42 28.04
N ILE F 128 11.55 -10.26 28.32
CA ILE F 128 12.61 -9.76 27.47
C ILE F 128 13.91 -9.64 28.27
#